data_3SDL
#
_entry.id   3SDL
#
_cell.length_a   39.009
_cell.length_b   56.142
_cell.length_c   74.020
_cell.angle_alpha   70.59
_cell.angle_beta   84.24
_cell.angle_gamma   83.91
#
_symmetry.space_group_name_H-M   'P 1'
#
loop_
_entity.id
_entity.type
_entity.pdbx_description
1 polymer 'Non-structural protein 1'
2 polymer 'Ubiquitin-like protein ISG15'
3 water water
#
loop_
_entity_poly.entity_id
_entity_poly.type
_entity_poly.pdbx_seq_one_letter_code
_entity_poly.pdbx_strand_id
1 'polypeptide(L)'
;MGHHHHHHSHMADNMTTTQIEVGPGATNATINFEAGILECYERFSWQRALDYPGQDRLHRLKRKLESRIKTHNKSEPENK
RMSLEERKAIGVKMMKVLLFMDPSAGIEGFEPY
;
A,B
2 'polypeptide(L)'
;SHHHHHHMGWDLTVKMLAGNEFQVSLSSSMSVSELKAQITQKIGVHAFQQRLAVHPSGVALQDRVPLASQGLGPGSTVLL
VVDKCDEPLSILVRNNKGRSSTYEVRLTQTVAHLKQQVSGLEGVQDDLFWLTFEGKPLEDQLPLGEYGLKPLSTVFMNLR
LRGG
;
C,D
#
# COMPACT_ATOMS: atom_id res chain seq x y z
N THR A 17 -20.78 6.49 2.38
CA THR A 17 -21.32 5.82 3.56
C THR A 17 -22.30 4.73 3.18
N THR A 18 -21.82 3.74 2.42
CA THR A 18 -22.64 2.60 2.03
C THR A 18 -21.99 1.28 2.45
N GLN A 19 -22.62 0.60 3.40
CA GLN A 19 -22.03 -0.60 4.00
C GLN A 19 -22.07 -1.82 3.08
N ILE A 20 -21.01 -2.63 3.15
CA ILE A 20 -20.92 -3.86 2.37
C ILE A 20 -20.96 -5.07 3.30
N GLU A 21 -21.98 -5.91 3.13
CA GLU A 21 -22.16 -7.09 3.97
C GLU A 21 -20.97 -8.04 3.90
N VAL A 22 -20.52 -8.50 5.06
CA VAL A 22 -19.38 -9.41 5.13
C VAL A 22 -19.67 -10.62 6.03
N GLY A 23 -18.77 -11.59 6.01
CA GLY A 23 -18.89 -12.77 6.83
C GLY A 23 -17.85 -12.79 7.94
N PRO A 24 -17.87 -13.84 8.77
CA PRO A 24 -16.99 -13.93 9.94
C PRO A 24 -15.51 -13.77 9.60
N GLY A 25 -15.10 -14.22 8.42
CA GLY A 25 -13.70 -14.20 8.02
C GLY A 25 -13.13 -12.80 7.84
N ALA A 26 -13.98 -11.79 7.92
CA ALA A 26 -13.56 -10.42 7.67
C ALA A 26 -12.84 -9.81 8.88
N THR A 27 -13.13 -10.32 10.05
CA THR A 27 -12.50 -9.81 11.27
C THR A 27 -10.99 -10.03 11.26
N ASN A 28 -10.57 -11.28 11.12
CA ASN A 28 -9.15 -11.61 11.09
C ASN A 28 -8.46 -11.02 9.86
N ALA A 29 -9.25 -10.77 8.82
CA ALA A 29 -8.74 -10.17 7.59
C ALA A 29 -8.44 -8.69 7.78
N THR A 30 -9.33 -8.00 8.49
CA THR A 30 -9.15 -6.58 8.77
C THR A 30 -7.97 -6.33 9.71
N ILE A 31 -7.79 -7.23 10.68
CA ILE A 31 -6.67 -7.12 11.61
C ILE A 31 -5.34 -7.18 10.86
N ASN A 32 -5.26 -8.04 9.85
CA ASN A 32 -4.06 -8.19 9.05
C ASN A 32 -3.90 -7.04 8.07
N PHE A 33 -4.97 -6.69 7.40
CA PHE A 33 -4.95 -5.55 6.50
C PHE A 33 -4.45 -4.31 7.21
N GLU A 34 -5.02 -4.04 8.39
CA GLU A 34 -4.68 -2.83 9.12
C GLU A 34 -3.30 -2.93 9.78
N ALA A 35 -2.81 -4.15 9.98
CA ALA A 35 -1.44 -4.33 10.39
C ALA A 35 -0.53 -3.76 9.31
N GLY A 36 -0.79 -4.14 8.07
CA GLY A 36 -0.04 -3.63 6.93
C GLY A 36 -0.15 -2.12 6.82
N ILE A 37 -1.32 -1.58 7.16
CA ILE A 37 -1.54 -0.14 7.17
C ILE A 37 -0.57 0.52 8.13
N LEU A 38 -0.44 -0.07 9.32
CA LEU A 38 0.48 0.42 10.33
C LEU A 38 1.91 0.40 9.81
N GLU A 39 2.28 -0.69 9.16
CA GLU A 39 3.62 -0.85 8.61
C GLU A 39 3.94 0.24 7.59
N CYS A 40 2.92 0.71 6.88
CA CYS A 40 3.11 1.79 5.92
C CYS A 40 3.24 3.13 6.63
N TYR A 41 2.39 3.37 7.62
CA TYR A 41 2.50 4.58 8.44
C TYR A 41 3.93 4.69 8.96
N GLU A 42 4.42 3.60 9.54
CA GLU A 42 5.77 3.57 10.11
C GLU A 42 6.86 3.87 9.09
N ARG A 43 6.82 3.21 7.92
CA ARG A 43 7.81 3.47 6.88
C ARG A 43 7.72 4.91 6.37
N PHE A 44 6.51 5.44 6.33
CA PHE A 44 6.30 6.82 5.92
C PHE A 44 6.94 7.77 6.94
N SER A 45 6.80 7.45 8.22
CA SER A 45 7.34 8.30 9.27
C SER A 45 8.87 8.38 9.18
N TRP A 46 9.48 7.31 8.67
CA TRP A 46 10.92 7.30 8.47
C TRP A 46 11.34 8.37 7.47
N GLN A 47 10.43 8.72 6.57
CA GLN A 47 10.70 9.73 5.56
C GLN A 47 10.52 11.13 6.15
N ARG A 48 10.08 11.18 7.39
CA ARG A 48 9.89 12.46 8.09
C ARG A 48 8.86 13.32 7.36
N ALA A 49 7.83 12.66 6.83
CA ALA A 49 6.77 13.36 6.11
C ALA A 49 5.46 13.27 6.89
N LEU A 50 5.47 12.54 8.00
CA LEU A 50 4.28 12.35 8.81
C LEU A 50 4.16 13.46 9.86
N ASP A 51 3.21 14.37 9.65
CA ASP A 51 3.02 15.48 10.58
C ASP A 51 2.61 14.98 11.96
N TYR A 52 2.56 15.88 12.93
CA TYR A 52 2.33 15.50 14.32
C TYR A 52 0.95 14.88 14.56
N PRO A 53 -0.12 15.51 14.04
CA PRO A 53 -1.44 14.88 14.15
C PRO A 53 -1.41 13.49 13.53
N GLY A 54 -0.71 13.35 12.41
CA GLY A 54 -0.61 12.06 11.72
C GLY A 54 0.17 11.02 12.51
N GLN A 55 1.13 11.48 13.29
CA GLN A 55 1.93 10.57 14.12
C GLN A 55 1.09 10.00 15.25
N ASP A 56 0.12 10.78 15.72
CA ASP A 56 -0.78 10.32 16.78
C ASP A 56 -1.70 9.23 16.26
N ARG A 57 -2.21 9.40 15.05
CA ARG A 57 -3.04 8.39 14.42
C ARG A 57 -2.26 7.09 14.21
N LEU A 58 -0.95 7.22 14.04
CA LEU A 58 -0.09 6.04 13.92
C LEU A 58 0.00 5.31 15.25
N HIS A 59 0.28 6.05 16.31
CA HIS A 59 0.49 5.45 17.63
C HIS A 59 -0.78 4.87 18.22
N ARG A 60 -1.93 5.47 17.91
CA ARG A 60 -3.19 4.96 18.44
C ARG A 60 -3.62 3.70 17.70
N LEU A 61 -3.40 3.66 16.40
CA LEU A 61 -3.76 2.48 15.61
C LEU A 61 -2.90 1.30 16.01
N LYS A 62 -1.66 1.57 16.38
CA LYS A 62 -0.78 0.52 16.87
C LYS A 62 -1.28 0.02 18.22
N ARG A 63 -1.71 0.95 19.06
CA ARG A 63 -2.21 0.61 20.38
C ARG A 63 -3.43 -0.29 20.26
N LYS A 64 -4.45 0.17 19.54
CA LYS A 64 -5.65 -0.62 19.32
C LYS A 64 -5.31 -1.94 18.63
N LEU A 65 -4.46 -1.87 17.61
CA LEU A 65 -4.10 -3.05 16.83
C LEU A 65 -3.52 -4.13 17.74
N GLU A 66 -2.61 -3.75 18.63
CA GLU A 66 -2.02 -4.69 19.58
C GLU A 66 -3.08 -5.21 20.54
N SER A 67 -4.06 -4.36 20.84
CA SER A 67 -5.16 -4.74 21.73
C SER A 67 -6.10 -5.74 21.06
N ARG A 68 -6.28 -5.60 19.74
CA ARG A 68 -7.17 -6.47 18.99
C ARG A 68 -6.50 -7.80 18.64
N ILE A 69 -5.20 -7.76 18.35
CA ILE A 69 -4.46 -8.98 18.08
C ILE A 69 -4.39 -9.86 19.32
N LYS A 70 -4.14 -9.23 20.47
CA LYS A 70 -4.07 -9.93 21.74
C LYS A 70 -5.42 -10.55 22.07
N THR A 71 -6.49 -9.85 21.73
CA THR A 71 -7.85 -10.30 21.99
C THR A 71 -8.28 -11.39 21.02
N HIS A 72 -7.84 -11.27 19.76
CA HIS A 72 -8.20 -12.23 18.73
C HIS A 72 -7.43 -13.53 18.90
N ASN A 73 -6.14 -13.42 19.18
CA ASN A 73 -5.28 -14.60 19.35
C ASN A 73 -5.83 -15.59 20.37
N LYS A 74 -6.23 -15.08 21.54
CA LYS A 74 -6.77 -15.93 22.59
C LYS A 74 -8.06 -16.63 22.14
N SER A 75 -8.77 -16.00 21.21
CA SER A 75 -10.04 -16.53 20.72
C SER A 75 -9.82 -17.62 19.67
N GLU A 76 -8.57 -17.88 19.34
CA GLU A 76 -8.23 -18.86 18.31
C GLU A 76 -7.15 -19.81 18.79
N PRO A 77 -7.11 -21.03 18.24
CA PRO A 77 -6.10 -22.04 18.59
C PRO A 77 -4.69 -21.49 18.45
N GLU A 78 -3.76 -22.05 19.23
CA GLU A 78 -2.37 -21.58 19.23
C GLU A 78 -1.69 -21.75 17.88
N ASN A 79 -2.00 -22.84 17.18
CA ASN A 79 -1.34 -23.13 15.91
C ASN A 79 -1.71 -22.14 14.80
N LYS A 80 -2.75 -21.36 15.02
CA LYS A 80 -3.20 -20.37 14.05
C LYS A 80 -2.89 -18.95 14.49
N ARG A 81 -2.42 -18.80 15.72
CA ARG A 81 -2.12 -17.48 16.27
C ARG A 81 -0.93 -16.82 15.56
N MET A 82 -0.99 -15.49 15.44
CA MET A 82 0.06 -14.75 14.75
C MET A 82 0.44 -13.47 15.50
N SER A 83 1.71 -13.09 15.37
CA SER A 83 2.22 -11.89 16.05
C SER A 83 2.01 -10.64 15.19
N LEU A 84 2.20 -9.48 15.80
CA LEU A 84 2.05 -8.22 15.10
C LEU A 84 2.93 -8.18 13.85
N GLU A 85 4.15 -8.68 13.99
CA GLU A 85 5.10 -8.67 12.88
CA GLU A 85 5.10 -8.69 12.89
C GLU A 85 4.71 -9.69 11.80
N GLU A 86 4.11 -10.79 12.24
CA GLU A 86 3.69 -11.84 11.33
C GLU A 86 2.51 -11.38 10.48
N ARG A 87 1.61 -10.62 11.08
CA ARG A 87 0.42 -10.12 10.39
C ARG A 87 0.78 -8.96 9.46
N LYS A 88 1.80 -8.19 9.83
CA LYS A 88 2.28 -7.11 8.98
C LYS A 88 2.65 -7.66 7.61
N ALA A 89 3.38 -8.76 7.59
CA ALA A 89 3.84 -9.37 6.34
C ALA A 89 2.65 -9.74 5.46
N ILE A 90 1.60 -10.29 6.06
CA ILE A 90 0.41 -10.67 5.33
C ILE A 90 -0.32 -9.44 4.79
N GLY A 91 -0.41 -8.41 5.63
CA GLY A 91 -1.06 -7.17 5.25
C GLY A 91 -0.34 -6.44 4.12
N VAL A 92 0.99 -6.49 4.14
CA VAL A 92 1.78 -5.87 3.08
C VAL A 92 1.44 -6.47 1.72
N LYS A 93 1.48 -7.80 1.65
CA LYS A 93 1.16 -8.51 0.41
C LYS A 93 -0.24 -8.15 -0.06
N MET A 94 -1.19 -8.11 0.88
CA MET A 94 -2.56 -7.76 0.54
C MET A 94 -2.62 -6.36 -0.07
N MET A 95 -1.92 -5.41 0.54
CA MET A 95 -1.93 -4.04 0.03
C MET A 95 -1.31 -3.92 -1.36
N LYS A 96 -0.24 -4.68 -1.60
CA LYS A 96 0.40 -4.69 -2.90
C LYS A 96 -0.58 -5.17 -3.98
N VAL A 97 -1.39 -6.17 -3.64
CA VAL A 97 -2.37 -6.67 -4.60
C VAL A 97 -3.42 -5.62 -4.92
N LEU A 98 -3.84 -4.85 -3.92
CA LEU A 98 -4.89 -3.85 -4.12
C LEU A 98 -4.38 -2.65 -4.92
N LEU A 99 -3.15 -2.24 -4.62
CA LEU A 99 -2.55 -1.10 -5.30
C LEU A 99 -2.22 -1.43 -6.75
N PHE A 100 -1.66 -2.61 -6.98
CA PHE A 100 -1.31 -3.02 -8.34
C PHE A 100 -2.44 -3.79 -9.00
N MET A 101 -3.47 -4.12 -8.23
CA MET A 101 -4.58 -4.90 -8.74
C MET A 101 -4.06 -6.11 -9.50
N ASP A 102 -3.24 -6.91 -8.84
CA ASP A 102 -2.61 -8.05 -9.46
C ASP A 102 -2.19 -9.09 -8.41
N PRO A 103 -2.78 -10.29 -8.50
CA PRO A 103 -2.51 -11.39 -7.58
C PRO A 103 -1.03 -11.78 -7.50
N SER A 104 -0.22 -11.30 -8.43
CA SER A 104 1.19 -11.67 -8.47
C SER A 104 2.01 -11.02 -7.35
N ALA A 105 1.44 -10.01 -6.71
CA ALA A 105 2.16 -9.20 -5.74
C ALA A 105 2.70 -9.95 -4.49
N GLY A 106 1.87 -10.75 -3.83
CA GLY A 106 0.47 -10.93 -4.20
C GLY A 106 -0.15 -12.19 -3.65
N ILE A 107 0.25 -13.33 -4.22
CA ILE A 107 -0.39 -14.61 -3.95
C ILE A 107 -0.61 -14.93 -2.48
N GLU A 108 0.33 -14.53 -1.63
CA GLU A 108 0.23 -14.80 -0.20
C GLU A 108 -1.04 -14.20 0.39
N GLY A 109 -1.44 -13.03 -0.12
CA GLY A 109 -2.69 -12.42 0.28
C GLY A 109 -3.88 -13.25 -0.14
N PHE A 110 -3.59 -14.39 -0.78
CA PHE A 110 -4.59 -15.33 -1.26
C PHE A 110 -5.09 -15.01 -2.67
N GLU A 111 -4.91 -13.77 -3.09
CA GLU A 111 -5.22 -13.36 -4.46
C GLU A 111 -4.92 -11.89 -4.67
N THR B 17 7.71 5.67 23.36
CA THR B 17 7.29 6.32 22.12
C THR B 17 8.23 7.46 21.74
N THR B 18 9.03 7.24 20.69
CA THR B 18 9.93 8.25 20.19
C THR B 18 9.29 9.02 19.04
N GLN B 19 9.61 10.31 18.93
CA GLN B 19 9.00 11.17 17.92
C GLN B 19 9.97 11.51 16.79
N ILE B 20 9.43 12.08 15.71
CA ILE B 20 10.23 12.47 14.56
C ILE B 20 9.94 13.91 14.15
N GLU B 21 10.96 14.75 14.20
CA GLU B 21 10.82 16.13 13.71
C GLU B 21 10.44 16.08 12.24
N VAL B 22 9.45 16.87 11.86
CA VAL B 22 8.81 16.71 10.55
C VAL B 22 9.24 17.72 9.48
N GLY B 23 8.86 18.99 9.68
CA GLY B 23 9.08 20.01 8.67
C GLY B 23 7.76 20.49 8.10
N PRO B 24 7.73 21.73 7.59
CA PRO B 24 6.51 22.37 7.08
C PRO B 24 5.77 21.54 6.03
N GLY B 25 6.52 20.90 5.15
CA GLY B 25 5.93 20.16 4.04
C GLY B 25 5.29 18.84 4.42
N ALA B 26 5.32 18.51 5.70
CA ALA B 26 4.75 17.25 6.18
C ALA B 26 3.23 17.25 6.04
N THR B 27 2.63 18.42 6.25
CA THR B 27 1.18 18.55 6.18
C THR B 27 0.64 18.03 4.86
N ASN B 28 1.17 18.55 3.76
CA ASN B 28 0.77 18.12 2.43
C ASN B 28 1.09 16.65 2.18
N ALA B 29 2.26 16.21 2.64
CA ALA B 29 2.70 14.84 2.44
C ALA B 29 1.77 13.85 3.14
N THR B 30 1.33 14.19 4.34
CA THR B 30 0.44 13.33 5.11
C THR B 30 -0.96 13.26 4.50
N ILE B 31 -1.46 14.38 3.99
CA ILE B 31 -2.77 14.39 3.36
C ILE B 31 -2.81 13.42 2.18
N ASN B 32 -1.75 13.44 1.37
CA ASN B 32 -1.66 12.57 0.21
C ASN B 32 -1.44 11.11 0.61
N PHE B 33 -0.54 10.90 1.56
CA PHE B 33 -0.28 9.56 2.06
C PHE B 33 -1.56 8.92 2.59
N GLU B 34 -2.26 9.63 3.46
CA GLU B 34 -3.49 9.10 4.02
C GLU B 34 -4.61 9.02 2.99
N ALA B 35 -4.51 9.85 1.95
CA ALA B 35 -5.43 9.76 0.83
C ALA B 35 -5.24 8.44 0.10
N GLY B 36 -4.00 7.94 0.10
CA GLY B 36 -3.69 6.65 -0.49
C GLY B 36 -4.09 5.52 0.43
N ILE B 37 -4.02 5.77 1.74
CA ILE B 37 -4.46 4.80 2.73
C ILE B 37 -5.96 4.57 2.57
N LEU B 38 -6.70 5.65 2.32
CA LEU B 38 -8.13 5.56 2.10
C LEU B 38 -8.44 4.75 0.85
N GLU B 39 -7.68 4.99 -0.22
CA GLU B 39 -7.88 4.26 -1.46
C GLU B 39 -7.68 2.75 -1.23
N CYS B 40 -6.84 2.42 -0.25
CA CYS B 40 -6.56 1.03 0.08
C CYS B 40 -7.69 0.44 0.93
N TYR B 41 -8.23 1.25 1.83
CA TYR B 41 -9.37 0.84 2.64
C TYR B 41 -10.55 0.53 1.74
N GLU B 42 -10.86 1.45 0.83
CA GLU B 42 -11.96 1.28 -0.11
C GLU B 42 -11.80 0.02 -0.98
N ARG B 43 -10.65 -0.11 -1.62
CA ARG B 43 -10.36 -1.25 -2.47
C ARG B 43 -10.45 -2.55 -1.68
N PHE B 44 -9.97 -2.53 -0.44
CA PHE B 44 -10.08 -3.69 0.43
C PHE B 44 -11.56 -3.98 0.70
N SER B 45 -12.34 -2.92 0.91
CA SER B 45 -13.74 -3.05 1.25
C SER B 45 -14.53 -3.81 0.19
N TRP B 46 -14.15 -3.67 -1.07
CA TRP B 46 -14.89 -4.31 -2.15
C TRP B 46 -14.54 -5.80 -2.28
N GLN B 47 -13.54 -6.23 -1.51
CA GLN B 47 -13.19 -7.65 -1.46
C GLN B 47 -14.00 -8.38 -0.39
N ARG B 48 -14.99 -7.68 0.16
CA ARG B 48 -15.81 -8.22 1.25
C ARG B 48 -14.94 -8.68 2.41
N ALA B 49 -13.82 -8.00 2.61
CA ALA B 49 -12.87 -8.38 3.65
C ALA B 49 -12.86 -7.43 4.83
N LEU B 50 -13.39 -6.22 4.63
CA LEU B 50 -13.34 -5.21 5.68
C LEU B 50 -14.54 -5.36 6.61
N ASP B 51 -14.28 -5.68 7.88
CA ASP B 51 -15.36 -5.85 8.85
C ASP B 51 -16.06 -4.52 9.09
N TYR B 52 -17.14 -4.55 9.86
CA TYR B 52 -17.98 -3.37 10.05
C TYR B 52 -17.26 -2.19 10.73
N PRO B 53 -16.54 -2.46 11.84
CA PRO B 53 -15.77 -1.37 12.44
C PRO B 53 -14.74 -0.81 11.45
N GLY B 54 -14.19 -1.68 10.62
CA GLY B 54 -13.23 -1.26 9.62
C GLY B 54 -13.87 -0.30 8.63
N GLN B 55 -15.08 -0.64 8.18
CA GLN B 55 -15.82 0.19 7.24
C GLN B 55 -16.19 1.52 7.87
N ASP B 56 -16.22 1.54 9.20
CA ASP B 56 -16.49 2.77 9.94
C ASP B 56 -15.25 3.67 9.93
N ARG B 57 -14.09 3.07 10.16
CA ARG B 57 -12.84 3.82 10.11
C ARG B 57 -12.55 4.32 8.70
N LEU B 58 -13.02 3.57 7.71
CA LEU B 58 -12.90 3.98 6.31
C LEU B 58 -13.64 5.28 6.07
N HIS B 59 -14.93 5.30 6.43
CA HIS B 59 -15.78 6.45 6.17
C HIS B 59 -15.41 7.66 7.04
N ARG B 60 -14.93 7.41 8.26
CA ARG B 60 -14.46 8.48 9.12
C ARG B 60 -13.25 9.15 8.48
N LEU B 61 -12.30 8.35 8.03
CA LEU B 61 -11.10 8.87 7.38
C LEU B 61 -11.47 9.70 6.17
N LYS B 62 -12.45 9.23 5.40
CA LYS B 62 -12.87 9.94 4.20
C LYS B 62 -13.43 11.33 4.54
N ARG B 63 -14.24 11.39 5.59
CA ARG B 63 -14.81 12.67 6.02
C ARG B 63 -13.70 13.62 6.49
N LYS B 64 -12.94 13.18 7.49
CA LYS B 64 -11.83 13.96 8.02
C LYS B 64 -10.93 14.45 6.90
N LEU B 65 -10.51 13.52 6.05
CA LEU B 65 -9.60 13.81 4.95
C LEU B 65 -10.18 14.86 4.00
N GLU B 66 -11.47 14.72 3.69
CA GLU B 66 -12.13 15.63 2.75
C GLU B 66 -12.18 17.05 3.29
N SER B 67 -12.34 17.18 4.60
CA SER B 67 -12.37 18.49 5.24
C SER B 67 -10.97 19.09 5.32
N ARG B 68 -9.98 18.24 5.51
CA ARG B 68 -8.59 18.68 5.56
C ARG B 68 -8.14 19.21 4.21
N ILE B 69 -8.60 18.58 3.13
CA ILE B 69 -8.26 19.00 1.78
C ILE B 69 -8.81 20.39 1.45
N LYS B 70 -10.06 20.63 1.82
CA LYS B 70 -10.68 21.93 1.59
C LYS B 70 -9.97 23.02 2.37
N THR B 71 -9.52 22.69 3.58
CA THR B 71 -8.83 23.65 4.44
C THR B 71 -7.43 23.96 3.92
N HIS B 72 -6.78 22.94 3.36
CA HIS B 72 -5.40 23.07 2.89
C HIS B 72 -5.33 23.68 1.49
N ASN B 73 -6.39 23.51 0.71
CA ASN B 73 -6.42 24.00 -0.66
C ASN B 73 -6.60 25.51 -0.78
N LYS B 74 -7.11 26.13 0.28
CA LYS B 74 -7.32 27.57 0.28
C LYS B 74 -6.00 28.34 0.37
N SER B 75 -5.04 27.75 1.06
CA SER B 75 -3.77 28.43 1.33
C SER B 75 -2.75 28.28 0.20
N GLU B 76 -2.99 27.33 -0.71
CA GLU B 76 -2.06 27.05 -1.78
C GLU B 76 -2.51 27.62 -3.13
N PRO B 77 -1.53 27.88 -4.02
CA PRO B 77 -1.81 28.37 -5.37
C PRO B 77 -2.70 27.39 -6.13
N GLU B 78 -3.46 27.88 -7.11
CA GLU B 78 -4.43 27.06 -7.82
C GLU B 78 -3.77 25.88 -8.53
N ASN B 79 -2.55 26.08 -9.01
CA ASN B 79 -1.84 25.05 -9.76
C ASN B 79 -1.55 23.79 -8.93
N LYS B 80 -1.06 23.97 -7.71
CA LYS B 80 -0.72 22.85 -6.84
C LYS B 80 -1.89 22.42 -5.96
N ARG B 81 -3.05 23.04 -6.18
CA ARG B 81 -4.27 22.61 -5.49
C ARG B 81 -4.71 21.23 -6.00
N MET B 82 -4.90 20.29 -5.07
CA MET B 82 -5.27 18.92 -5.43
C MET B 82 -6.58 18.50 -4.79
N SER B 83 -7.40 17.75 -5.52
CA SER B 83 -8.63 17.20 -5.00
C SER B 83 -8.41 15.79 -4.49
N LEU B 84 -9.34 15.30 -3.68
CA LEU B 84 -9.21 13.98 -3.06
C LEU B 84 -8.84 12.89 -4.06
N GLU B 85 -9.47 12.90 -5.23
CA GLU B 85 -9.27 11.83 -6.21
C GLU B 85 -7.85 11.84 -6.81
N GLU B 86 -7.33 13.01 -7.12
CA GLU B 86 -5.99 13.12 -7.69
C GLU B 86 -4.91 13.02 -6.62
N ARG B 87 -5.25 13.36 -5.38
CA ARG B 87 -4.34 13.15 -4.26
C ARG B 87 -4.16 11.67 -4.01
N LYS B 88 -5.25 10.91 -4.19
CA LYS B 88 -5.20 9.46 -4.04
C LYS B 88 -4.09 8.90 -4.93
N ALA B 89 -4.14 9.23 -6.21
CA ALA B 89 -3.14 8.80 -7.17
C ALA B 89 -1.72 9.00 -6.62
N ILE B 90 -1.53 10.13 -5.92
CA ILE B 90 -0.24 10.46 -5.33
C ILE B 90 0.05 9.60 -4.10
N GLY B 91 -0.99 9.37 -3.29
CA GLY B 91 -0.85 8.56 -2.10
C GLY B 91 -0.49 7.12 -2.39
N VAL B 92 -1.13 6.53 -3.39
CA VAL B 92 -0.84 5.16 -3.78
C VAL B 92 0.58 5.03 -4.34
N LYS B 93 1.02 6.06 -5.06
CA LYS B 93 2.40 6.10 -5.57
C LYS B 93 3.36 5.99 -4.40
N MET B 94 3.14 6.82 -3.39
CA MET B 94 3.95 6.78 -2.17
C MET B 94 3.86 5.41 -1.54
N MET B 95 2.65 4.87 -1.48
CA MET B 95 2.42 3.57 -0.88
C MET B 95 3.22 2.50 -1.60
N LYS B 96 3.27 2.62 -2.92
CA LYS B 96 4.00 1.65 -3.73
C LYS B 96 5.47 1.64 -3.37
N VAL B 97 6.09 2.81 -3.38
CA VAL B 97 7.51 2.89 -3.07
C VAL B 97 7.79 2.45 -1.63
N LEU B 98 6.89 2.77 -0.70
CA LEU B 98 7.05 2.34 0.68
C LEU B 98 6.95 0.81 0.80
N LEU B 99 5.89 0.24 0.26
CA LEU B 99 5.67 -1.19 0.35
C LEU B 99 6.88 -1.99 -0.14
N PHE B 100 7.55 -1.45 -1.16
CA PHE B 100 8.74 -2.11 -1.71
C PHE B 100 10.03 -1.51 -1.15
N MET B 101 9.90 -0.43 -0.38
CA MET B 101 11.05 0.35 0.05
C MET B 101 12.00 0.50 -1.14
N ASP B 102 11.49 1.16 -2.18
CA ASP B 102 12.16 1.17 -3.47
C ASP B 102 11.50 2.21 -4.36
N PRO B 103 12.13 3.40 -4.49
CA PRO B 103 11.57 4.36 -5.44
C PRO B 103 11.69 3.76 -6.83
N SER B 104 12.65 2.86 -6.96
CA SER B 104 13.02 2.25 -8.23
C SER B 104 11.82 1.65 -8.96
N ALA B 105 11.21 2.46 -9.82
CA ALA B 105 10.10 2.00 -10.65
C ALA B 105 8.87 1.61 -9.83
N GLY B 106 8.97 1.72 -8.51
CA GLY B 106 7.87 1.36 -7.64
C GLY B 106 6.66 2.24 -7.89
N ILE B 107 6.90 3.40 -8.48
CA ILE B 107 5.84 4.39 -8.70
C ILE B 107 5.55 4.63 -10.19
N GLU B 108 6.61 4.89 -10.96
CA GLU B 108 6.44 5.33 -12.35
C GLU B 108 5.74 4.33 -13.26
N GLY B 109 6.46 3.30 -13.69
CA GLY B 109 5.93 2.35 -14.66
C GLY B 109 6.00 0.90 -14.26
N PHE B 110 4.87 0.35 -13.81
CA PHE B 110 4.76 -1.06 -13.45
C PHE B 110 5.87 -1.51 -12.50
N GLU B 111 6.47 -2.66 -12.82
CA GLU B 111 7.60 -3.24 -12.07
C GLU B 111 7.26 -4.27 -10.97
N PRO B 112 5.98 -4.61 -10.78
CA PRO B 112 5.70 -5.52 -9.67
C PRO B 112 6.54 -6.80 -9.76
N TYR B 113 6.88 -7.38 -8.62
CA TYR B 113 7.70 -8.59 -8.59
C TYR B 113 6.86 -9.85 -8.76
N ASP C 11 -16.48 -28.80 -10.72
CA ASP C 11 -16.58 -27.54 -9.98
C ASP C 11 -15.30 -26.72 -10.05
N LEU C 12 -15.45 -25.41 -9.90
CA LEU C 12 -14.32 -24.49 -9.91
C LEU C 12 -14.26 -23.74 -8.59
N THR C 13 -13.06 -23.53 -8.08
CA THR C 13 -12.87 -22.82 -6.82
C THR C 13 -12.48 -21.37 -7.04
N VAL C 14 -13.26 -20.44 -6.48
CA VAL C 14 -12.95 -19.03 -6.55
C VAL C 14 -12.36 -18.54 -5.23
N LYS C 15 -11.19 -17.91 -5.31
CA LYS C 15 -10.48 -17.46 -4.12
C LYS C 15 -10.40 -15.94 -4.11
N MET C 16 -10.80 -15.33 -3.00
CA MET C 16 -10.78 -13.88 -2.89
C MET C 16 -9.69 -13.43 -1.91
N LEU C 17 -9.41 -12.13 -1.91
CA LEU C 17 -8.40 -11.58 -1.01
C LEU C 17 -8.79 -11.86 0.43
N ALA C 18 -7.85 -12.37 1.21
CA ALA C 18 -8.04 -12.71 2.62
C ALA C 18 -8.53 -14.14 2.85
N GLY C 19 -8.56 -14.94 1.78
CA GLY C 19 -8.73 -16.37 1.91
C GLY C 19 -10.12 -16.95 1.67
N ASN C 20 -11.13 -16.10 1.69
CA ASN C 20 -12.50 -16.57 1.46
C ASN C 20 -12.63 -17.37 0.16
N GLU C 21 -13.36 -18.48 0.22
CA GLU C 21 -13.52 -19.35 -0.94
C GLU C 21 -14.98 -19.70 -1.17
N PHE C 22 -15.31 -20.02 -2.42
CA PHE C 22 -16.60 -20.60 -2.77
C PHE C 22 -16.49 -21.36 -4.09
N GLN C 23 -17.48 -22.18 -4.37
CA GLN C 23 -17.44 -23.07 -5.53
C GLN C 23 -18.35 -22.59 -6.65
N VAL C 24 -17.96 -22.91 -7.88
CA VAL C 24 -18.72 -22.56 -9.07
C VAL C 24 -18.79 -23.76 -10.01
N SER C 25 -19.97 -24.01 -10.55
CA SER C 25 -20.17 -25.11 -11.48
C SER C 25 -20.27 -24.55 -12.90
N LEU C 26 -19.46 -25.10 -13.79
CA LEU C 26 -19.40 -24.64 -15.18
C LEU C 26 -19.98 -25.67 -16.15
N SER C 27 -21.07 -25.31 -16.80
CA SER C 27 -21.75 -26.19 -17.73
C SER C 27 -22.60 -25.39 -18.73
N SER C 28 -22.73 -25.91 -19.95
CA SER C 28 -22.14 -27.19 -20.34
C SER C 28 -20.66 -27.05 -20.70
N SER C 29 -20.32 -25.97 -21.38
CA SER C 29 -18.93 -25.72 -21.78
C SER C 29 -18.34 -24.54 -21.01
N MET C 30 -17.02 -24.47 -21.00
CA MET C 30 -16.31 -23.44 -20.25
C MET C 30 -16.20 -22.12 -21.01
N SER C 31 -16.46 -21.02 -20.31
CA SER C 31 -16.36 -19.68 -20.88
C SER C 31 -16.22 -18.61 -19.81
N VAL C 32 -15.26 -17.71 -19.99
CA VAL C 32 -15.01 -16.65 -19.02
C VAL C 32 -16.26 -15.81 -18.76
N SER C 33 -16.92 -15.40 -19.83
CA SER C 33 -18.13 -14.58 -19.71
C SER C 33 -19.14 -15.23 -18.77
N GLU C 34 -19.23 -16.55 -18.82
CA GLU C 34 -20.18 -17.28 -17.99
C GLU C 34 -19.70 -17.40 -16.55
N LEU C 35 -18.40 -17.61 -16.37
CA LEU C 35 -17.81 -17.66 -15.04
C LEU C 35 -18.19 -16.41 -14.25
N LYS C 36 -18.01 -15.25 -14.87
CA LYS C 36 -18.34 -13.98 -14.23
C LYS C 36 -19.82 -13.86 -13.91
N ALA C 37 -20.67 -14.28 -14.83
CA ALA C 37 -22.11 -14.28 -14.61
C ALA C 37 -22.46 -15.20 -13.45
N GLN C 38 -21.75 -16.33 -13.37
CA GLN C 38 -21.96 -17.28 -12.28
C GLN C 38 -21.58 -16.65 -10.95
N ILE C 39 -20.39 -16.05 -10.90
CA ILE C 39 -19.92 -15.40 -9.69
C ILE C 39 -20.91 -14.34 -9.22
N THR C 40 -21.42 -13.56 -10.18
CA THR C 40 -22.39 -12.51 -9.87
C THR C 40 -23.62 -13.05 -9.15
N GLN C 41 -24.10 -14.21 -9.60
CA GLN C 41 -25.26 -14.86 -8.98
C GLN C 41 -24.94 -15.39 -7.59
N LYS C 42 -23.72 -15.90 -7.41
CA LYS C 42 -23.31 -16.48 -6.14
C LYS C 42 -23.11 -15.42 -5.06
N ILE C 43 -22.30 -14.40 -5.34
CA ILE C 43 -21.92 -13.43 -4.32
C ILE C 43 -22.34 -11.99 -4.62
N GLY C 44 -22.92 -11.75 -5.79
CA GLY C 44 -23.46 -10.44 -6.10
C GLY C 44 -22.46 -9.39 -6.57
N VAL C 45 -21.28 -9.84 -6.97
CA VAL C 45 -20.30 -8.91 -7.52
C VAL C 45 -20.58 -8.70 -9.00
N HIS C 46 -20.81 -7.46 -9.39
CA HIS C 46 -21.06 -7.12 -10.79
C HIS C 46 -19.96 -7.67 -11.69
N ALA C 47 -20.35 -8.16 -12.86
CA ALA C 47 -19.41 -8.73 -13.82
C ALA C 47 -18.30 -7.75 -14.20
N PHE C 48 -18.68 -6.53 -14.53
CA PHE C 48 -17.72 -5.55 -15.03
C PHE C 48 -16.64 -5.19 -14.00
N GLN C 49 -16.84 -5.62 -12.76
CA GLN C 49 -15.90 -5.33 -11.68
C GLN C 49 -14.97 -6.51 -11.40
N GLN C 50 -15.21 -7.62 -12.09
CA GLN C 50 -14.46 -8.83 -11.79
C GLN C 50 -13.13 -8.90 -12.54
N ARG C 51 -12.06 -9.06 -11.78
CA ARG C 51 -10.75 -9.31 -12.35
C ARG C 51 -10.32 -10.71 -11.96
N LEU C 52 -10.39 -11.63 -12.90
CA LEU C 52 -10.07 -13.03 -12.64
C LEU C 52 -8.66 -13.39 -13.06
N ALA C 53 -8.01 -14.24 -12.27
CA ALA C 53 -6.65 -14.69 -12.56
C ALA C 53 -6.50 -16.16 -12.22
N VAL C 54 -5.57 -16.83 -12.90
CA VAL C 54 -5.30 -18.23 -12.65
C VAL C 54 -4.50 -18.38 -11.36
N HIS C 55 -4.75 -19.46 -10.63
CA HIS C 55 -3.97 -19.77 -9.44
C HIS C 55 -3.13 -21.01 -9.70
N PRO C 56 -1.87 -21.01 -9.22
CA PRO C 56 -1.26 -19.90 -8.47
C PRO C 56 -0.49 -18.98 -9.40
N SER C 57 -0.70 -19.11 -10.71
CA SER C 57 0.02 -18.34 -11.71
C SER C 57 -0.09 -16.84 -11.45
N GLY C 58 -1.31 -16.36 -11.21
CA GLY C 58 -1.56 -14.95 -11.01
C GLY C 58 -1.81 -14.23 -12.33
N VAL C 59 -1.74 -14.98 -13.43
CA VAL C 59 -1.99 -14.43 -14.76
C VAL C 59 -3.48 -14.29 -15.05
N ALA C 60 -3.89 -13.11 -15.49
CA ALA C 60 -5.30 -12.81 -15.73
C ALA C 60 -5.89 -13.69 -16.83
N LEU C 61 -7.10 -14.20 -16.59
CA LEU C 61 -7.83 -14.92 -17.62
C LEU C 61 -8.16 -13.96 -18.76
N GLN C 62 -8.50 -14.52 -19.92
CA GLN C 62 -8.87 -13.69 -21.06
C GLN C 62 -10.28 -14.01 -21.52
N ASP C 63 -11.15 -13.00 -21.46
CA ASP C 63 -12.59 -13.16 -21.69
C ASP C 63 -12.92 -13.99 -22.92
N ARG C 64 -12.11 -13.85 -23.96
CA ARG C 64 -12.34 -14.56 -25.21
C ARG C 64 -12.16 -16.06 -25.06
N VAL C 65 -10.92 -16.48 -24.81
CA VAL C 65 -10.56 -17.89 -24.72
C VAL C 65 -11.31 -18.61 -23.59
N PRO C 66 -11.85 -19.80 -23.90
CA PRO C 66 -12.52 -20.64 -22.90
C PRO C 66 -11.59 -21.05 -21.77
N LEU C 67 -12.17 -21.58 -20.69
CA LEU C 67 -11.39 -21.90 -19.49
C LEU C 67 -10.58 -23.18 -19.65
N ALA C 68 -11.08 -24.10 -20.47
CA ALA C 68 -10.38 -25.36 -20.72
C ALA C 68 -9.20 -25.16 -21.65
N SER C 69 -9.30 -24.15 -22.51
CA SER C 69 -8.24 -23.85 -23.48
C SER C 69 -7.12 -23.02 -22.84
N GLN C 70 -7.32 -22.66 -21.59
CA GLN C 70 -6.29 -21.96 -20.82
C GLN C 70 -5.61 -22.93 -19.87
N GLY C 71 -4.86 -22.39 -18.91
CA GLY C 71 -4.23 -23.22 -17.89
C GLY C 71 -5.22 -23.51 -16.79
N LEU C 72 -6.49 -23.67 -17.16
CA LEU C 72 -7.57 -23.83 -16.20
C LEU C 72 -8.42 -25.04 -16.54
N GLY C 73 -9.01 -25.66 -15.53
CA GLY C 73 -9.86 -26.82 -15.72
C GLY C 73 -10.65 -27.19 -14.49
N PRO C 74 -10.99 -28.48 -14.34
CA PRO C 74 -11.76 -28.96 -13.19
C PRO C 74 -10.88 -29.08 -11.94
N GLY C 75 -11.42 -28.66 -10.80
CA GLY C 75 -10.71 -28.74 -9.54
C GLY C 75 -9.62 -27.70 -9.39
N SER C 76 -9.53 -26.79 -10.36
CA SER C 76 -8.52 -25.74 -10.33
C SER C 76 -9.06 -24.49 -9.66
N THR C 77 -8.15 -23.66 -9.15
CA THR C 77 -8.54 -22.45 -8.44
C THR C 77 -8.36 -21.19 -9.28
N VAL C 78 -9.33 -20.27 -9.18
CA VAL C 78 -9.20 -18.97 -9.80
C VAL C 78 -9.18 -17.89 -8.73
N LEU C 79 -8.57 -16.75 -9.05
CA LEU C 79 -8.48 -15.66 -8.11
C LEU C 79 -9.40 -14.52 -8.55
N LEU C 80 -10.19 -14.03 -7.62
CA LEU C 80 -11.07 -12.89 -7.88
C LEU C 80 -10.62 -11.68 -7.08
N VAL C 81 -10.37 -10.58 -7.78
CA VAL C 81 -10.17 -9.31 -7.11
C VAL C 81 -11.25 -8.36 -7.64
N VAL C 82 -11.85 -7.57 -6.76
CA VAL C 82 -12.99 -6.75 -7.15
C VAL C 82 -12.58 -5.30 -7.37
N ASP C 83 -12.61 -4.88 -8.64
CA ASP C 83 -12.32 -3.49 -8.97
C ASP C 83 -13.59 -2.65 -8.85
N LYS C 84 -13.66 -1.84 -7.79
CA LYS C 84 -14.85 -1.05 -7.48
C LYS C 84 -15.40 -0.26 -8.65
N CYS C 85 -14.52 0.36 -9.44
CA CYS C 85 -14.96 1.12 -10.61
C CYS C 85 -16.08 2.09 -10.28
N ASP C 86 -15.92 2.85 -9.20
CA ASP C 86 -16.96 3.76 -8.77
C ASP C 86 -16.54 5.23 -8.85
N GLU C 87 -15.63 5.54 -9.77
CA GLU C 87 -15.19 6.91 -9.98
C GLU C 87 -16.30 7.73 -10.64
N PRO C 88 -16.74 8.80 -9.97
CA PRO C 88 -17.80 9.65 -10.52
C PRO C 88 -17.52 10.07 -11.96
N LEU C 89 -18.57 10.15 -12.77
CA LEU C 89 -18.47 10.68 -14.12
C LEU C 89 -19.82 11.22 -14.55
N SER C 90 -19.83 11.95 -15.67
CA SER C 90 -21.05 12.58 -16.15
C SER C 90 -21.48 11.99 -17.48
N ILE C 91 -22.79 11.83 -17.64
CA ILE C 91 -23.34 11.32 -18.89
C ILE C 91 -24.47 12.23 -19.36
N LEU C 92 -24.96 11.97 -20.57
CA LEU C 92 -26.07 12.75 -21.12
C LEU C 92 -27.28 11.84 -21.35
N VAL C 93 -28.47 12.34 -21.03
CA VAL C 93 -29.70 11.64 -21.34
C VAL C 93 -30.64 12.54 -22.13
N ARG C 94 -30.99 12.12 -23.35
CA ARG C 94 -31.79 12.93 -24.26
C ARG C 94 -33.28 12.64 -24.10
N ASN C 95 -34.05 13.64 -23.69
CA ASN C 95 -35.48 13.46 -23.53
C ASN C 95 -36.20 13.33 -24.87
N ASN C 96 -37.51 13.08 -24.82
CA ASN C 96 -38.29 12.80 -26.01
C ASN C 96 -38.31 13.95 -27.03
N LYS C 97 -38.07 15.16 -26.56
CA LYS C 97 -38.08 16.33 -27.44
C LYS C 97 -36.70 16.61 -28.04
N GLY C 98 -35.71 15.83 -27.64
CA GLY C 98 -34.36 15.98 -28.17
C GLY C 98 -33.43 16.75 -27.26
N ARG C 99 -33.93 17.17 -26.10
CA ARG C 99 -33.17 17.98 -25.17
C ARG C 99 -32.30 17.15 -24.23
N SER C 100 -30.97 17.29 -24.36
CA SER C 100 -30.04 16.50 -23.58
C SER C 100 -29.55 17.23 -22.31
N SER C 101 -29.61 16.53 -21.18
CA SER C 101 -29.14 17.06 -19.91
C SER C 101 -28.09 16.15 -19.28
N THR C 102 -27.14 16.73 -18.55
CA THR C 102 -26.09 15.97 -17.89
C THR C 102 -26.55 15.39 -16.55
N TYR C 103 -26.00 14.24 -16.19
CA TYR C 103 -26.29 13.61 -14.91
C TYR C 103 -25.00 13.10 -14.30
N GLU C 104 -24.80 13.36 -13.01
CA GLU C 104 -23.67 12.80 -12.29
C GLU C 104 -23.99 11.39 -11.83
N VAL C 105 -23.21 10.43 -12.29
CA VAL C 105 -23.45 9.03 -11.98
C VAL C 105 -22.19 8.27 -11.65
N ARG C 106 -22.35 7.10 -11.04
CA ARG C 106 -21.26 6.15 -10.86
C ARG C 106 -21.66 4.86 -11.53
N LEU C 107 -20.69 4.14 -12.10
CA LEU C 107 -20.98 2.90 -12.81
C LEU C 107 -21.59 1.84 -11.89
N THR C 108 -21.40 1.99 -10.59
CA THR C 108 -21.87 1.01 -9.63
C THR C 108 -23.33 1.22 -9.22
N GLN C 109 -23.94 2.30 -9.69
CA GLN C 109 -25.34 2.56 -9.39
C GLN C 109 -26.23 1.91 -10.44
N THR C 110 -27.46 1.62 -10.05
CA THR C 110 -28.38 0.88 -10.91
C THR C 110 -29.00 1.77 -11.98
N VAL C 111 -29.46 1.13 -13.06
CA VAL C 111 -30.19 1.81 -14.11
C VAL C 111 -31.43 2.46 -13.50
N ALA C 112 -31.99 1.80 -12.49
CA ALA C 112 -33.17 2.30 -11.79
C ALA C 112 -32.87 3.62 -11.09
N HIS C 113 -31.67 3.75 -10.55
CA HIS C 113 -31.27 4.98 -9.87
C HIS C 113 -31.09 6.13 -10.85
N LEU C 114 -30.55 5.82 -12.03
CA LEU C 114 -30.43 6.82 -13.08
C LEU C 114 -31.81 7.29 -13.53
N LYS C 115 -32.76 6.35 -13.60
CA LYS C 115 -34.13 6.69 -14.01
C LYS C 115 -34.81 7.59 -12.99
N GLN C 116 -34.50 7.40 -11.71
CA GLN C 116 -35.02 8.27 -10.66
C GLN C 116 -34.50 9.69 -10.85
N GLN C 117 -33.23 9.79 -11.26
CA GLN C 117 -32.63 11.09 -11.52
C GLN C 117 -33.27 11.74 -12.75
N VAL C 118 -33.58 10.92 -13.75
CA VAL C 118 -34.18 11.40 -14.98
C VAL C 118 -35.63 11.80 -14.74
N SER C 119 -36.35 11.00 -13.96
CA SER C 119 -37.73 11.31 -13.60
C SER C 119 -37.85 12.72 -13.01
N GLY C 120 -37.14 12.97 -11.91
CA GLY C 120 -37.19 14.24 -11.23
C GLY C 120 -36.89 15.42 -12.12
N LEU C 121 -35.82 15.32 -12.90
CA LEU C 121 -35.40 16.39 -13.78
C LEU C 121 -36.39 16.60 -14.93
N GLU C 122 -36.75 15.51 -15.60
CA GLU C 122 -37.59 15.59 -16.79
C GLU C 122 -39.07 15.73 -16.44
N GLY C 123 -39.40 15.50 -15.18
CA GLY C 123 -40.77 15.60 -14.70
C GLY C 123 -41.70 14.55 -15.28
N VAL C 124 -41.15 13.36 -15.51
CA VAL C 124 -41.93 12.24 -16.05
C VAL C 124 -41.77 11.00 -15.18
N GLN C 125 -42.88 10.31 -14.91
CA GLN C 125 -42.85 9.09 -14.12
C GLN C 125 -41.91 8.08 -14.77
N ASP C 126 -41.22 7.30 -13.95
CA ASP C 126 -40.20 6.40 -14.46
C ASP C 126 -40.75 5.19 -15.20
N ASP C 127 -41.93 4.73 -14.80
CA ASP C 127 -42.54 3.58 -15.47
C ASP C 127 -43.20 3.98 -16.78
N LEU C 128 -43.12 5.27 -17.09
CA LEU C 128 -43.67 5.80 -18.34
C LEU C 128 -42.60 5.94 -19.42
N PHE C 129 -41.40 5.47 -19.11
CA PHE C 129 -40.32 5.50 -20.09
C PHE C 129 -39.24 4.48 -19.80
N TRP C 130 -38.39 4.25 -20.79
CA TRP C 130 -37.20 3.42 -20.60
C TRP C 130 -36.02 4.04 -21.33
N LEU C 131 -34.83 3.64 -20.93
CA LEU C 131 -33.61 4.20 -21.49
C LEU C 131 -32.96 3.22 -22.44
N THR C 132 -32.26 3.75 -23.43
CA THR C 132 -31.52 2.93 -24.38
C THR C 132 -30.14 3.52 -24.63
N PHE C 133 -29.16 2.66 -24.83
CA PHE C 133 -27.80 3.09 -25.14
C PHE C 133 -27.21 2.23 -26.24
N GLU C 134 -26.80 2.87 -27.33
CA GLU C 134 -26.26 2.17 -28.48
C GLU C 134 -27.25 1.12 -28.99
N GLY C 135 -28.52 1.50 -29.11
CA GLY C 135 -29.54 0.63 -29.64
C GLY C 135 -30.23 -0.25 -28.61
N LYS C 136 -29.46 -0.84 -27.70
CA LYS C 136 -30.03 -1.77 -26.73
C LYS C 136 -30.57 -1.05 -25.50
N PRO C 137 -31.65 -1.59 -24.91
CA PRO C 137 -32.31 -1.02 -23.73
C PRO C 137 -31.54 -1.27 -22.45
N LEU C 138 -31.73 -0.40 -21.46
CA LEU C 138 -31.07 -0.54 -20.17
C LEU C 138 -32.05 -1.16 -19.17
N GLU C 139 -31.57 -2.10 -18.37
CA GLU C 139 -32.43 -2.82 -17.44
C GLU C 139 -32.33 -2.28 -16.02
N ASP C 140 -33.49 -2.03 -15.42
CA ASP C 140 -33.58 -1.43 -14.08
C ASP C 140 -32.60 -2.01 -13.07
N GLN C 141 -32.52 -3.33 -13.01
CA GLN C 141 -31.74 -4.02 -11.97
C GLN C 141 -30.23 -3.98 -12.21
N LEU C 142 -29.81 -3.73 -13.44
CA LEU C 142 -28.39 -3.75 -13.78
C LEU C 142 -27.69 -2.43 -13.47
N PRO C 143 -26.39 -2.51 -13.14
CA PRO C 143 -25.57 -1.31 -12.90
C PRO C 143 -25.21 -0.66 -14.22
N LEU C 144 -24.98 0.65 -14.21
CA LEU C 144 -24.64 1.37 -15.43
C LEU C 144 -23.36 0.86 -16.07
N GLY C 145 -22.51 0.23 -15.25
CA GLY C 145 -21.22 -0.25 -15.71
C GLY C 145 -21.29 -1.45 -16.63
N GLU C 146 -22.45 -2.09 -16.70
CA GLU C 146 -22.62 -3.26 -17.55
C GLU C 146 -22.81 -2.84 -19.01
N TYR C 147 -23.05 -1.55 -19.22
CA TYR C 147 -23.31 -1.04 -20.56
C TYR C 147 -22.13 -0.23 -21.08
N GLY C 148 -21.05 -0.21 -20.30
CA GLY C 148 -19.84 0.50 -20.68
C GLY C 148 -20.12 1.93 -21.07
N LEU C 149 -20.73 2.68 -20.17
CA LEU C 149 -20.98 4.10 -20.39
C LEU C 149 -19.70 4.89 -20.17
N LYS C 150 -19.56 5.99 -20.93
CA LYS C 150 -18.38 6.85 -20.81
C LYS C 150 -18.82 8.30 -20.59
N PRO C 151 -17.88 9.15 -20.13
CA PRO C 151 -18.14 10.58 -19.94
C PRO C 151 -18.87 11.19 -21.13
N LEU C 152 -20.03 11.76 -20.87
CA LEU C 152 -20.83 12.41 -21.90
C LEU C 152 -21.34 11.45 -22.97
N SER C 153 -21.51 10.18 -22.61
CA SER C 153 -22.22 9.25 -23.48
C SER C 153 -23.67 9.69 -23.56
N THR C 154 -24.36 9.30 -24.63
CA THR C 154 -25.75 9.70 -24.79
C THR C 154 -26.71 8.54 -24.66
N VAL C 155 -27.41 8.50 -23.53
CA VAL C 155 -28.50 7.55 -23.34
C VAL C 155 -29.80 8.21 -23.80
N PHE C 156 -30.61 7.47 -24.54
CA PHE C 156 -31.84 8.01 -25.09
C PHE C 156 -33.05 7.65 -24.23
N MET C 157 -34.00 8.58 -24.17
CA MET C 157 -35.23 8.38 -23.42
C MET C 157 -36.31 7.93 -24.38
N ASN C 158 -37.03 6.86 -24.03
CA ASN C 158 -38.11 6.35 -24.85
C ASN C 158 -39.43 6.29 -24.08
N LEU C 159 -40.49 6.81 -24.69
CA LEU C 159 -41.78 6.96 -24.03
C LEU C 159 -42.68 5.75 -24.22
N ARG C 160 -43.23 5.23 -23.13
CA ARG C 160 -44.22 4.17 -23.22
C ARG C 160 -45.57 4.77 -23.59
N LEU C 161 -46.62 3.95 -23.51
CA LEU C 161 -47.98 4.41 -23.75
C LEU C 161 -48.83 4.24 -22.49
N ASP D 11 27.90 19.49 -6.40
CA ASP D 11 26.63 20.01 -5.91
C ASP D 11 25.47 19.22 -6.50
N LEU D 12 24.68 18.58 -5.62
CA LEU D 12 23.62 17.69 -6.04
C LEU D 12 22.35 17.88 -5.22
N THR D 13 21.20 17.55 -5.82
CA THR D 13 19.92 17.73 -5.14
C THR D 13 19.35 16.40 -4.65
N VAL D 14 19.11 16.28 -3.34
CA VAL D 14 18.48 15.08 -2.80
C VAL D 14 17.00 15.32 -2.56
N LYS D 15 16.16 14.49 -3.16
CA LYS D 15 14.71 14.61 -3.03
C LYS D 15 14.13 13.44 -2.25
N MET D 16 13.40 13.74 -1.18
CA MET D 16 12.82 12.71 -0.33
C MET D 16 11.36 12.42 -0.71
N LEU D 17 10.76 11.43 -0.04
CA LEU D 17 9.44 10.94 -0.40
C LEU D 17 8.38 12.04 -0.50
N ALA D 18 8.44 13.00 0.42
CA ALA D 18 7.47 14.08 0.46
C ALA D 18 7.63 15.07 -0.69
N GLY D 19 8.82 15.11 -1.28
CA GLY D 19 9.10 16.03 -2.36
C GLY D 19 9.98 17.18 -1.92
N ASN D 20 10.44 17.13 -0.67
CA ASN D 20 11.38 18.13 -0.17
C ASN D 20 12.80 17.86 -0.64
N GLU D 21 13.51 18.92 -0.99
CA GLU D 21 14.85 18.81 -1.56
C GLU D 21 15.89 19.53 -0.71
N PHE D 22 17.13 19.08 -0.80
CA PHE D 22 18.26 19.77 -0.18
C PHE D 22 19.54 19.46 -0.95
N GLN D 23 20.54 20.33 -0.83
CA GLN D 23 21.75 20.22 -1.62
C GLN D 23 22.91 19.50 -0.93
N VAL D 24 23.71 18.82 -1.74
CA VAL D 24 24.88 18.11 -1.28
C VAL D 24 26.00 18.27 -2.31
N SER D 25 27.10 18.91 -1.90
CA SER D 25 28.22 19.12 -2.81
C SER D 25 29.26 18.02 -2.64
N LEU D 26 29.55 17.32 -3.73
CA LEU D 26 30.52 16.23 -3.69
C LEU D 26 31.95 16.75 -3.78
N SER D 27 32.75 16.42 -2.77
CA SER D 27 34.10 16.96 -2.65
C SER D 27 35.06 16.51 -3.75
N SER D 28 35.25 15.21 -3.90
CA SER D 28 36.26 14.70 -4.82
C SER D 28 35.82 13.48 -5.63
N SER D 29 36.00 12.31 -5.04
CA SER D 29 35.71 11.04 -5.72
C SER D 29 34.30 10.97 -6.29
N MET D 30 33.37 11.68 -5.65
CA MET D 30 31.98 11.66 -6.08
C MET D 30 31.44 10.24 -6.04
N SER D 31 31.84 9.49 -5.03
CA SER D 31 31.37 8.13 -4.84
C SER D 31 30.03 8.11 -4.12
N VAL D 32 29.28 7.03 -4.29
CA VAL D 32 28.01 6.87 -3.59
C VAL D 32 28.21 6.87 -2.09
N SER D 33 29.28 6.21 -1.65
CA SER D 33 29.62 6.14 -0.23
C SER D 33 29.82 7.54 0.34
N GLU D 34 30.48 8.39 -0.42
CA GLU D 34 30.71 9.78 -0.02
C GLU D 34 29.39 10.54 0.04
N LEU D 35 28.55 10.33 -0.96
CA LEU D 35 27.24 10.97 -1.03
C LEU D 35 26.43 10.65 0.22
N LYS D 36 26.44 9.38 0.61
CA LYS D 36 25.69 8.94 1.77
C LYS D 36 26.25 9.55 3.05
N ALA D 37 27.58 9.65 3.12
CA ALA D 37 28.25 10.26 4.26
C ALA D 37 27.83 11.72 4.46
N GLN D 38 27.62 12.42 3.35
CA GLN D 38 27.18 13.80 3.40
C GLN D 38 25.72 13.90 3.78
N ILE D 39 24.92 12.92 3.36
CA ILE D 39 23.51 12.89 3.71
C ILE D 39 23.34 12.63 5.20
N THR D 40 24.24 11.82 5.75
CA THR D 40 24.23 11.57 7.19
C THR D 40 24.55 12.84 7.97
N GLN D 41 25.54 13.60 7.48
CA GLN D 41 25.93 14.84 8.13
C GLN D 41 24.81 15.87 8.03
N LYS D 42 24.11 15.87 6.90
CA LYS D 42 23.06 16.84 6.63
C LYS D 42 21.79 16.62 7.44
N ILE D 43 21.25 15.41 7.37
CA ILE D 43 19.94 15.14 7.96
C ILE D 43 19.96 14.00 8.98
N GLY D 44 21.11 13.36 9.14
CA GLY D 44 21.30 12.39 10.22
C GLY D 44 20.85 10.98 9.92
N VAL D 45 20.58 10.67 8.65
CA VAL D 45 20.20 9.33 8.27
C VAL D 45 21.43 8.47 8.00
N HIS D 46 21.58 7.40 8.76
CA HIS D 46 22.76 6.54 8.65
C HIS D 46 22.87 5.93 7.27
N ALA D 47 24.10 5.71 6.81
CA ALA D 47 24.36 5.21 5.47
C ALA D 47 23.58 3.94 5.16
N PHE D 48 23.55 3.01 6.12
CA PHE D 48 22.93 1.72 5.89
C PHE D 48 21.41 1.81 5.78
N GLN D 49 20.86 2.98 6.08
CA GLN D 49 19.42 3.20 5.99
C GLN D 49 19.01 3.90 4.69
N GLN D 50 19.99 4.39 3.94
CA GLN D 50 19.71 5.16 2.73
C GLN D 50 19.48 4.31 1.48
N ARG D 51 18.34 4.52 0.83
CA ARG D 51 18.06 3.91 -0.47
C ARG D 51 18.01 4.99 -1.54
N LEU D 52 19.02 5.04 -2.40
CA LEU D 52 19.15 6.12 -3.37
C LEU D 52 18.87 5.67 -4.80
N ALA D 53 18.26 6.56 -5.58
CA ALA D 53 17.94 6.27 -6.97
C ALA D 53 18.01 7.53 -7.82
N VAL D 54 18.08 7.36 -9.14
CA VAL D 54 18.16 8.49 -10.06
C VAL D 54 16.77 9.10 -10.31
N HIS D 55 16.74 10.40 -10.55
CA HIS D 55 15.51 11.10 -10.88
C HIS D 55 15.52 11.51 -12.35
N PRO D 56 14.40 11.28 -13.05
CA PRO D 56 13.18 10.67 -12.53
C PRO D 56 13.01 9.22 -12.99
N SER D 57 14.09 8.59 -13.45
CA SER D 57 14.03 7.21 -13.93
C SER D 57 13.70 6.26 -12.78
N GLY D 58 14.24 6.54 -11.60
CA GLY D 58 14.01 5.71 -10.44
C GLY D 58 15.03 4.60 -10.30
N VAL D 59 15.88 4.44 -11.31
CA VAL D 59 16.91 3.42 -11.26
C VAL D 59 17.82 3.61 -10.05
N ALA D 60 18.07 2.54 -9.31
CA ALA D 60 18.90 2.60 -8.12
C ALA D 60 20.36 2.91 -8.46
N LEU D 61 21.04 3.62 -7.56
CA LEU D 61 22.44 3.95 -7.75
C LEU D 61 23.31 2.70 -7.58
N GLN D 62 24.40 2.64 -8.34
CA GLN D 62 25.33 1.52 -8.25
C GLN D 62 26.52 1.93 -7.38
N ASP D 63 26.84 1.11 -6.38
CA ASP D 63 27.87 1.45 -5.40
C ASP D 63 29.27 1.58 -6.01
N ARG D 64 29.70 0.54 -6.73
CA ARG D 64 31.06 0.51 -7.25
C ARG D 64 31.24 1.35 -8.52
N VAL D 65 30.30 2.27 -8.76
CA VAL D 65 30.35 3.10 -9.95
C VAL D 65 30.26 4.59 -9.60
N PRO D 66 31.14 5.41 -10.21
CA PRO D 66 31.14 6.87 -10.00
C PRO D 66 29.80 7.48 -10.40
N LEU D 67 29.33 8.44 -9.62
CA LEU D 67 28.07 9.12 -9.90
C LEU D 67 28.06 9.74 -11.30
N ALA D 68 29.19 10.33 -11.68
CA ALA D 68 29.33 10.96 -12.99
C ALA D 68 29.17 9.94 -14.11
N SER D 69 29.16 8.67 -13.76
CA SER D 69 29.06 7.59 -14.73
C SER D 69 27.62 7.10 -14.88
N GLN D 70 26.79 7.39 -13.88
CA GLN D 70 25.40 6.94 -13.87
C GLN D 70 24.46 8.04 -14.32
N GLY D 71 25.03 9.10 -14.90
CA GLY D 71 24.25 10.24 -15.34
C GLY D 71 23.99 11.22 -14.23
N LEU D 72 24.93 11.30 -13.29
CA LEU D 72 24.79 12.20 -12.14
C LEU D 72 25.89 13.25 -12.10
N GLY D 73 25.63 14.40 -12.72
CA GLY D 73 26.54 15.52 -12.67
C GLY D 73 25.89 16.69 -11.96
N PRO D 74 26.57 17.84 -11.93
CA PRO D 74 26.03 19.05 -11.31
C PRO D 74 24.63 19.38 -11.84
N GLY D 75 23.69 19.63 -10.93
CA GLY D 75 22.33 19.96 -11.32
C GLY D 75 21.40 18.74 -11.32
N SER D 76 21.99 17.56 -11.12
CA SER D 76 21.21 16.33 -11.08
C SER D 76 20.46 16.19 -9.76
N THR D 77 19.49 15.29 -9.73
CA THR D 77 18.68 15.06 -8.55
C THR D 77 18.59 13.57 -8.21
N VAL D 78 18.91 13.23 -6.97
CA VAL D 78 18.82 11.84 -6.52
C VAL D 78 17.70 11.67 -5.51
N LEU D 79 17.00 10.53 -5.60
CA LEU D 79 15.88 10.25 -4.73
C LEU D 79 16.32 9.47 -3.50
N LEU D 80 15.86 9.91 -2.33
CA LEU D 80 16.19 9.22 -1.09
C LEU D 80 14.95 8.59 -0.46
N VAL D 81 15.02 7.29 -0.22
CA VAL D 81 14.01 6.61 0.58
C VAL D 81 14.71 6.03 1.80
N VAL D 82 14.16 6.29 2.98
CA VAL D 82 14.77 5.82 4.22
C VAL D 82 14.16 4.49 4.67
N ASP D 83 15.03 3.53 4.95
CA ASP D 83 14.61 2.23 5.49
C ASP D 83 15.28 2.07 6.84
N LYS D 84 14.48 2.06 7.90
CA LYS D 84 15.03 2.09 9.26
C LYS D 84 15.88 0.86 9.59
N CYS D 85 15.50 -0.30 9.05
CA CYS D 85 16.21 -1.55 9.34
C CYS D 85 16.18 -1.85 10.84
N ASP D 86 14.98 -1.87 11.40
CA ASP D 86 14.81 -1.99 12.85
C ASP D 86 14.57 -3.44 13.32
N GLU D 87 14.45 -4.37 12.38
CA GLU D 87 14.07 -5.74 12.71
C GLU D 87 15.17 -6.50 13.45
N PRO D 88 14.77 -7.23 14.51
CA PRO D 88 15.67 -7.95 15.41
C PRO D 88 16.57 -8.98 14.72
N LEU D 89 17.80 -9.09 15.21
CA LEU D 89 18.70 -10.17 14.82
C LEU D 89 19.56 -10.55 16.01
N SER D 90 20.19 -11.71 15.95
CA SER D 90 21.04 -12.18 17.03
C SER D 90 22.50 -12.24 16.59
N ILE D 91 23.39 -11.81 17.48
CA ILE D 91 24.81 -11.90 17.22
C ILE D 91 25.53 -12.54 18.41
N LEU D 92 26.84 -12.74 18.27
CA LEU D 92 27.64 -13.31 19.33
C LEU D 92 28.72 -12.33 19.79
N VAL D 93 28.89 -12.23 21.11
CA VAL D 93 30.02 -11.49 21.66
C VAL D 93 30.95 -12.43 22.43
N ARG D 94 32.22 -12.44 22.05
CA ARG D 94 33.21 -13.28 22.70
C ARG D 94 33.98 -12.49 23.75
N ASN D 95 33.81 -12.85 25.02
CA ASN D 95 34.59 -12.22 26.08
C ASN D 95 36.07 -12.58 25.95
N ASN D 96 36.90 -11.97 26.78
CA ASN D 96 38.34 -12.17 26.69
C ASN D 96 38.77 -13.62 26.77
N LYS D 97 37.99 -14.42 27.51
CA LYS D 97 38.35 -15.81 27.75
C LYS D 97 38.16 -16.71 26.53
N GLY D 98 37.30 -16.29 25.62
CA GLY D 98 37.01 -17.08 24.44
C GLY D 98 35.57 -17.58 24.44
N ARG D 99 34.86 -17.29 25.53
CA ARG D 99 33.46 -17.72 25.67
C ARG D 99 32.53 -16.81 24.88
N SER D 100 31.90 -17.36 23.84
CA SER D 100 30.91 -16.63 23.07
C SER D 100 29.53 -16.78 23.68
N SER D 101 28.81 -15.67 23.75
CA SER D 101 27.46 -15.63 24.31
C SER D 101 26.58 -14.81 23.37
N THR D 102 25.32 -15.20 23.22
CA THR D 102 24.45 -14.61 22.22
C THR D 102 23.66 -13.40 22.70
N TYR D 103 23.55 -12.39 21.85
CA TYR D 103 22.81 -11.18 22.19
C TYR D 103 21.82 -10.86 21.08
N GLU D 104 20.61 -10.50 21.50
CA GLU D 104 19.59 -10.07 20.55
C GLU D 104 19.74 -8.56 20.40
N VAL D 105 19.78 -8.09 19.16
CA VAL D 105 19.97 -6.66 18.90
C VAL D 105 19.19 -6.17 17.70
N ARG D 106 19.28 -4.87 17.45
CA ARG D 106 18.71 -4.25 16.27
C ARG D 106 19.78 -3.37 15.64
N LEU D 107 19.86 -3.36 14.32
CA LEU D 107 20.88 -2.59 13.63
C LEU D 107 20.82 -1.09 13.93
N THR D 108 19.71 -0.66 14.52
CA THR D 108 19.52 0.75 14.85
C THR D 108 20.06 1.09 16.24
N GLN D 109 20.23 0.07 17.07
CA GLN D 109 20.78 0.27 18.41
C GLN D 109 22.23 0.68 18.30
N THR D 110 22.67 1.53 19.23
CA THR D 110 24.04 2.03 19.21
C THR D 110 25.02 1.00 19.75
N VAL D 111 26.29 1.18 19.42
CA VAL D 111 27.35 0.33 19.95
C VAL D 111 27.40 0.44 21.48
N ALA D 112 27.15 1.64 21.98
CA ALA D 112 27.12 1.87 23.43
C ALA D 112 26.03 1.02 24.07
N HIS D 113 24.88 0.97 23.40
CA HIS D 113 23.74 0.17 23.84
C HIS D 113 24.12 -1.31 23.94
N LEU D 114 24.73 -1.83 22.88
CA LEU D 114 25.22 -3.21 22.85
C LEU D 114 26.21 -3.45 23.97
N LYS D 115 27.16 -2.53 24.14
CA LYS D 115 28.16 -2.65 25.20
C LYS D 115 27.48 -2.73 26.57
N GLN D 116 26.30 -2.14 26.68
CA GLN D 116 25.55 -2.17 27.93
C GLN D 116 25.04 -3.58 28.20
N GLN D 117 24.60 -4.26 27.15
CA GLN D 117 24.19 -5.66 27.25
C GLN D 117 25.37 -6.54 27.63
N VAL D 118 26.47 -6.40 26.90
CA VAL D 118 27.67 -7.16 27.18
C VAL D 118 28.11 -6.90 28.61
N SER D 119 28.08 -5.63 29.01
CA SER D 119 28.46 -5.23 30.35
C SER D 119 27.65 -5.97 31.42
N GLY D 120 26.33 -6.02 31.22
CA GLY D 120 25.44 -6.66 32.17
C GLY D 120 25.65 -8.16 32.27
N LEU D 121 25.87 -8.80 31.13
CA LEU D 121 26.09 -10.25 31.10
C LEU D 121 27.46 -10.63 31.63
N GLU D 122 28.49 -9.93 31.19
CA GLU D 122 29.86 -10.27 31.56
C GLU D 122 30.24 -9.72 32.95
N GLY D 123 29.45 -8.79 33.46
CA GLY D 123 29.72 -8.21 34.77
C GLY D 123 30.92 -7.29 34.72
N VAL D 124 31.25 -6.81 33.52
CA VAL D 124 32.37 -5.90 33.34
C VAL D 124 31.87 -4.52 32.95
N GLN D 125 32.36 -3.50 33.66
CA GLN D 125 31.98 -2.12 33.36
C GLN D 125 32.35 -1.74 31.93
N ASP D 126 31.44 -1.06 31.26
CA ASP D 126 31.61 -0.72 29.84
C ASP D 126 32.88 0.08 29.57
N ASP D 127 33.29 0.91 30.52
CA ASP D 127 34.48 1.73 30.34
C ASP D 127 35.76 0.90 30.37
N LEU D 128 35.63 -0.37 30.78
CA LEU D 128 36.78 -1.24 30.94
C LEU D 128 36.99 -2.19 29.76
N PHE D 129 36.24 -1.98 28.67
CA PHE D 129 36.41 -2.81 27.49
C PHE D 129 35.94 -2.10 26.21
N TRP D 130 36.34 -2.64 25.07
CA TRP D 130 35.89 -2.10 23.79
C TRP D 130 35.66 -3.25 22.81
N LEU D 131 34.69 -3.08 21.92
CA LEU D 131 34.33 -4.15 21.00
C LEU D 131 35.02 -3.99 19.65
N THR D 132 35.23 -5.12 18.97
CA THR D 132 35.83 -5.11 17.65
C THR D 132 35.14 -6.12 16.73
N PHE D 133 35.09 -5.79 15.44
CA PHE D 133 34.49 -6.68 14.46
C PHE D 133 35.29 -6.66 13.16
N GLU D 134 35.85 -7.80 12.81
CA GLU D 134 36.66 -7.92 11.60
C GLU D 134 37.86 -6.98 11.64
N GLY D 135 38.40 -6.77 12.84
CA GLY D 135 39.64 -6.02 13.00
C GLY D 135 39.46 -4.57 13.38
N LYS D 136 38.38 -3.95 12.93
CA LYS D 136 38.15 -2.54 13.21
C LYS D 136 37.25 -2.36 14.42
N PRO D 137 37.53 -1.31 15.23
CA PRO D 137 36.82 -1.02 16.47
C PRO D 137 35.40 -0.53 16.23
N LEU D 138 34.48 -0.92 17.11
CA LEU D 138 33.13 -0.38 17.10
C LEU D 138 33.11 0.90 17.93
N GLU D 139 32.38 1.90 17.47
CA GLU D 139 32.33 3.18 18.16
C GLU D 139 31.01 3.38 18.91
N ASP D 140 31.11 3.80 20.15
CA ASP D 140 29.96 3.88 21.06
C ASP D 140 28.74 4.57 20.47
N GLN D 141 28.95 5.73 19.84
CA GLN D 141 27.83 6.55 19.38
C GLN D 141 27.35 6.18 17.97
N LEU D 142 27.77 5.03 17.48
CA LEU D 142 27.34 4.58 16.15
C LEU D 142 26.37 3.41 16.19
N PRO D 143 25.44 3.38 15.22
CA PRO D 143 24.48 2.27 15.08
C PRO D 143 25.18 0.99 14.70
N LEU D 144 24.62 -0.15 15.09
CA LEU D 144 25.21 -1.44 14.78
C LEU D 144 25.14 -1.71 13.27
N GLY D 145 24.14 -1.12 12.62
CA GLY D 145 23.98 -1.30 11.18
C GLY D 145 25.16 -0.72 10.42
N GLU D 146 25.93 0.12 11.10
CA GLU D 146 27.08 0.79 10.51
C GLU D 146 28.18 -0.20 10.11
N TYR D 147 28.16 -1.39 10.72
CA TYR D 147 29.24 -2.35 10.53
C TYR D 147 28.83 -3.60 9.77
N GLY D 148 27.62 -3.60 9.23
CA GLY D 148 27.13 -4.72 8.45
C GLY D 148 27.09 -6.01 9.24
N LEU D 149 26.79 -5.91 10.53
CA LEU D 149 26.62 -7.10 11.37
C LEU D 149 25.51 -7.98 10.81
N LYS D 150 25.78 -9.28 10.74
CA LYS D 150 24.80 -10.25 10.23
C LYS D 150 24.44 -11.25 11.33
N PRO D 151 23.42 -12.09 11.08
CA PRO D 151 23.05 -13.12 12.05
C PRO D 151 24.24 -13.95 12.51
N LEU D 152 24.57 -13.84 13.79
CA LEU D 152 25.65 -14.62 14.40
C LEU D 152 27.04 -14.22 13.92
N SER D 153 27.21 -12.94 13.60
CA SER D 153 28.55 -12.41 13.37
C SER D 153 29.24 -12.32 14.72
N THR D 154 30.53 -12.62 14.75
CA THR D 154 31.26 -12.60 16.02
C THR D 154 31.88 -11.24 16.33
N VAL D 155 31.51 -10.69 17.48
CA VAL D 155 32.12 -9.48 17.99
C VAL D 155 33.02 -9.84 19.17
N PHE D 156 34.27 -9.37 19.13
CA PHE D 156 35.24 -9.69 20.16
C PHE D 156 35.33 -8.58 21.21
N MET D 157 35.43 -9.00 22.46
CA MET D 157 35.52 -8.09 23.60
C MET D 157 36.98 -7.94 24.04
N ASN D 158 37.43 -6.68 24.16
CA ASN D 158 38.83 -6.39 24.50
C ASN D 158 38.94 -5.62 25.81
N LEU D 159 39.71 -6.15 26.75
CA LEU D 159 39.85 -5.51 28.06
C LEU D 159 40.83 -4.36 28.05
N ARG D 160 40.71 -3.48 29.05
CA ARG D 160 41.58 -2.31 29.13
C ARG D 160 42.35 -2.29 30.45
N LEU D 161 43.45 -1.54 30.45
CA LEU D 161 44.24 -1.35 31.66
C LEU D 161 43.73 -0.12 32.41
#